data_6TTS
#
_entry.id   6TTS
#
_cell.length_a   64.500
_cell.length_b   64.500
_cell.length_c   246.760
_cell.angle_alpha   90.000
_cell.angle_beta   90.000
_cell.angle_gamma   90.000
#
_symmetry.space_group_name_H-M   'P 41 2 2'
#
loop_
_entity.id
_entity.type
_entity.pdbx_description
1 polymer 'GGDEF diguanylate cyclase DgcB'
2 non-polymer "9,9'-[(2R,3R,3aS,5S,7aR,9R,10R,10aS,12S,14aR)-3,5,10,12-tetrahydroxy-5,12-dioxidooctahydro-2H,7H-difuro[3,2-d:3',2'-j][1,3,7,9,2,8]tetraoxadiphosphacyclododecine-2,9-diyl]bis(2-amino-1,9-dihydro-6H-purin-6-one)"
3 non-polymer 'SULFATE ION'
4 water water
#
_entity_poly.entity_id   1
_entity_poly.type   'polypeptide(L)'
_entity_poly.pdbx_seq_one_letter_code
;MGSSHHHHHHSSGLVPRGSHMVRRDATTDGLTNLANRKAFDDELDRACAEAEEGGTTICLAVLDIDHFKGFNDTWGHQTG
DQVIRYVASVIGRVAAPPRFAARYGGEEFAMIFPREAASVVATTLEEIRVEVSSRMLKRRSTNEDLGAITVSSGFAERKP
GESGHSVMERADAALYASKRGGRNRVTAAESMPGAANAA
;
_entity_poly.pdbx_strand_id   A,B
#
# COMPACT_ATOMS: atom_id res chain seq x y z
N HIS A 20 -13.90 -1.92 -23.15
CA HIS A 20 -12.50 -2.03 -23.55
C HIS A 20 -12.30 -3.42 -24.19
N VAL A 22 -8.93 2.11 -19.64
CA VAL A 22 -7.78 2.99 -19.89
C VAL A 22 -6.67 2.99 -18.80
N ARG A 23 -5.45 2.62 -19.18
CA ARG A 23 -4.42 2.32 -18.19
C ARG A 23 -3.94 3.56 -17.44
N ARG A 24 -3.65 3.36 -16.16
CA ARG A 24 -3.01 4.37 -15.34
C ARG A 24 -1.55 4.56 -15.77
N ASP A 25 -0.98 5.67 -15.33
CA ASP A 25 0.39 6.02 -15.69
C ASP A 25 1.35 5.02 -15.08
N ALA A 26 1.99 4.20 -15.93
CA ALA A 26 2.82 3.11 -15.43
C ALA A 26 4.09 3.57 -14.71
N THR A 27 4.40 4.87 -14.72
CA THR A 27 5.59 5.39 -14.07
C THR A 27 5.29 6.07 -12.73
N THR A 28 4.03 6.07 -12.29
CA THR A 28 3.71 6.71 -11.03
C THR A 28 3.26 5.67 -10.02
N ASP A 29 3.23 6.11 -8.78
CA ASP A 29 2.81 5.29 -7.67
C ASP A 29 1.33 5.55 -7.41
N GLY A 30 0.60 4.47 -7.12
CA GLY A 30 -0.85 4.58 -7.02
C GLY A 30 -1.29 5.32 -5.76
N LEU A 31 -0.64 5.07 -4.64
CA LEU A 31 -1.12 5.67 -3.40
C LEU A 31 -0.82 7.18 -3.34
N THR A 32 0.32 7.62 -3.89
CA THR A 32 0.81 8.97 -3.69
C THR A 32 0.84 9.81 -4.96
N ASN A 33 0.86 9.19 -6.14
CA ASN A 33 1.03 9.87 -7.42
C ASN A 33 2.40 10.53 -7.57
N LEU A 34 3.39 10.16 -6.76
CA LEU A 34 4.77 10.45 -7.10
C LEU A 34 5.28 9.42 -8.10
N ALA A 35 6.47 9.66 -8.63
CA ALA A 35 7.14 8.63 -9.41
C ALA A 35 7.32 7.36 -8.56
N ASN A 36 7.44 6.21 -9.23
CA ASN A 36 7.69 4.94 -8.58
C ASN A 36 9.18 4.59 -8.68
N ARG A 37 9.59 3.47 -8.06
CA ARG A 37 11.01 3.18 -7.93
C ARG A 37 11.70 3.11 -9.28
N LYS A 38 11.07 2.47 -10.26
CA LYS A 38 11.73 2.27 -11.54
C LYS A 38 11.88 3.59 -12.29
N ALA A 39 10.90 4.47 -12.19
CA ALA A 39 11.02 5.79 -12.81
C ALA A 39 12.11 6.60 -12.13
N PHE A 40 12.22 6.47 -10.80
CA PHE A 40 13.31 7.13 -10.11
C PHE A 40 14.65 6.57 -10.54
N ASP A 41 14.74 5.27 -10.77
CA ASP A 41 16.03 4.70 -11.14
C ASP A 41 16.43 5.14 -12.54
N ASP A 42 15.46 5.26 -13.45
CA ASP A 42 15.78 5.74 -14.78
C ASP A 42 16.14 7.23 -14.75
N GLU A 43 15.41 8.01 -13.95
CA GLU A 43 15.72 9.43 -13.82
C GLU A 43 17.08 9.66 -13.17
N LEU A 44 17.46 8.81 -12.22
CA LEU A 44 18.74 8.96 -11.53
C LEU A 44 19.92 8.77 -12.48
N ASP A 45 19.87 7.72 -13.31
CA ASP A 45 20.95 7.49 -14.27
C ASP A 45 21.07 8.65 -15.24
N ARG A 46 19.94 9.12 -15.78
CA ARG A 46 19.94 10.25 -16.69
C ARG A 46 20.51 11.50 -16.04
N ALA A 47 20.05 11.83 -14.82
CA ALA A 47 20.55 12.99 -14.10
C ALA A 47 22.03 12.89 -13.78
N CYS A 48 22.54 11.69 -13.50
CA CYS A 48 23.97 11.52 -13.21
C CYS A 48 24.81 11.67 -14.46
N ALA A 49 24.37 11.06 -15.55
CA ALA A 49 25.08 11.19 -16.82
C ALA A 49 25.10 12.64 -17.30
N GLU A 50 24.07 13.42 -16.95
CA GLU A 50 23.99 14.81 -17.38
C GLU A 50 24.83 15.74 -16.52
N ALA A 51 24.90 15.46 -15.21
CA ALA A 51 25.82 16.20 -14.34
C ALA A 51 27.27 15.86 -14.61
N GLU A 52 27.52 14.69 -15.22
CA GLU A 52 28.87 14.27 -15.59
C GLU A 52 29.34 14.87 -16.92
N GLU A 53 28.40 15.11 -17.85
CA GLU A 53 28.77 15.75 -19.12
C GLU A 53 28.96 17.25 -18.94
N GLY A 54 28.11 17.89 -18.15
CA GLY A 54 28.16 19.33 -17.95
C GLY A 54 28.95 19.77 -16.74
N GLY A 55 29.64 18.85 -16.07
CA GLY A 55 30.37 19.23 -14.87
C GLY A 55 29.54 19.91 -13.80
N THR A 56 28.29 19.49 -13.63
CA THR A 56 27.45 20.08 -12.60
C THR A 56 27.19 19.09 -11.48
N THR A 57 26.71 19.61 -10.35
CA THR A 57 26.53 18.82 -9.15
C THR A 57 25.13 18.19 -9.10
N ILE A 58 24.98 17.21 -8.20
CA ILE A 58 23.71 16.52 -8.00
C ILE A 58 23.76 15.85 -6.63
N CYS A 59 22.66 15.94 -5.91
CA CYS A 59 22.52 15.38 -4.57
C CYS A 59 21.33 14.44 -4.54
N LEU A 60 21.50 13.33 -3.82
CA LEU A 60 20.50 12.29 -3.70
C LEU A 60 20.15 12.14 -2.23
N ALA A 61 18.85 12.15 -1.92
CA ALA A 61 18.38 11.91 -0.55
C ALA A 61 17.48 10.69 -0.52
N VAL A 62 17.47 10.01 0.62
CA VAL A 62 16.62 8.86 0.88
C VAL A 62 15.95 9.08 2.23
N LEU A 63 14.63 8.87 2.29
CA LEU A 63 13.86 9.12 3.50
C LEU A 63 13.02 7.89 3.83
N ASP A 64 12.84 7.65 5.11
CA ASP A 64 12.11 6.49 5.59
C ASP A 64 11.15 6.95 6.70
N ILE A 65 9.92 6.45 6.67
CA ILE A 65 8.95 6.76 7.73
C ILE A 65 9.28 5.94 8.97
N ASP A 66 9.47 6.62 10.10
CA ASP A 66 9.90 5.94 11.31
C ASP A 66 8.76 5.16 11.93
N HIS A 67 9.05 3.91 12.34
CA HIS A 67 8.11 3.07 13.07
C HIS A 67 6.87 2.77 12.25
N PHE A 68 7.03 2.63 10.94
CA PHE A 68 5.89 2.56 10.05
C PHE A 68 5.11 1.28 10.24
N LYS A 69 5.79 0.14 10.38
CA LYS A 69 5.04 -1.07 10.64
C LYS A 69 4.26 -0.97 11.93
N GLY A 70 4.85 -0.32 12.95
CA GLY A 70 4.12 -0.02 14.18
C GLY A 70 2.77 0.64 13.93
N PHE A 71 2.71 1.64 13.03
CA PHE A 71 1.42 2.26 12.73
C PHE A 71 0.41 1.23 12.23
N ASN A 72 0.86 0.30 11.38
CA ASN A 72 -0.08 -0.62 10.79
C ASN A 72 -0.56 -1.64 11.81
N ASP A 73 0.30 -2.04 12.75
CA ASP A 73 -0.11 -2.95 13.81
C ASP A 73 -1.11 -2.29 14.73
N THR A 74 -0.83 -1.05 15.12
CA THR A 74 -1.67 -0.33 16.07
C THR A 74 -3.02 0.05 15.47
N TRP A 75 -3.02 0.60 14.26
CA TRP A 75 -4.16 1.33 13.74
C TRP A 75 -4.79 0.69 12.53
N GLY A 76 -4.16 -0.29 11.93
CA GLY A 76 -4.75 -0.85 10.73
C GLY A 76 -4.04 -0.39 9.47
N HIS A 77 -4.12 -1.22 8.45
CA HIS A 77 -3.47 -0.97 7.17
C HIS A 77 -4.01 0.29 6.48
N GLN A 78 -5.30 0.58 6.63
CA GLN A 78 -5.87 1.78 6.01
C GLN A 78 -5.23 3.05 6.53
N THR A 79 -4.99 3.11 7.85
CA THR A 79 -4.31 4.27 8.44
C THR A 79 -2.85 4.33 8.02
N GLY A 80 -2.17 3.18 7.91
CA GLY A 80 -0.84 3.20 7.36
C GLY A 80 -0.79 3.85 5.99
N ASP A 81 -1.78 3.55 5.14
CA ASP A 81 -1.86 4.18 3.83
C ASP A 81 -1.97 5.70 3.93
N GLN A 82 -2.68 6.19 4.94
CA GLN A 82 -2.84 7.62 5.08
C GLN A 82 -1.58 8.29 5.63
N VAL A 83 -0.77 7.57 6.40
CA VAL A 83 0.51 8.11 6.83
C VAL A 83 1.47 8.23 5.66
N ILE A 84 1.44 7.26 4.74
CA ILE A 84 2.20 7.35 3.50
C ILE A 84 1.79 8.57 2.69
N ARG A 85 0.47 8.75 2.51
CA ARG A 85 -0.02 9.90 1.76
C ARG A 85 0.36 11.21 2.44
N TYR A 86 0.31 11.26 3.78
CA TYR A 86 0.72 12.46 4.49
C TYR A 86 2.16 12.83 4.20
N VAL A 87 3.08 11.88 4.39
CA VAL A 87 4.50 12.16 4.21
C VAL A 87 4.80 12.42 2.75
N ALA A 88 4.15 11.68 1.85
CA ALA A 88 4.40 11.90 0.43
C ALA A 88 3.99 13.30 0.04
N SER A 89 2.93 13.81 0.67
CA SER A 89 2.46 15.16 0.39
C SER A 89 3.50 16.20 0.78
N VAL A 90 4.03 16.10 2.01
CA VAL A 90 5.08 17.01 2.48
C VAL A 90 6.25 17.02 1.52
N ILE A 91 6.76 15.83 1.19
CA ILE A 91 7.88 15.70 0.27
C ILE A 91 7.54 16.33 -1.08
N GLY A 92 6.37 16.02 -1.64
CA GLY A 92 6.01 16.53 -2.96
C GLY A 92 5.94 18.05 -3.04
N ARG A 93 5.44 18.71 -1.99
CA ARG A 93 5.33 20.16 -1.97
C ARG A 93 6.70 20.85 -1.96
N VAL A 94 7.78 20.09 -1.92
CA VAL A 94 9.09 20.73 -1.79
C VAL A 94 10.01 20.12 -2.84
N ALA A 95 9.43 19.37 -3.77
CA ALA A 95 10.18 18.70 -4.82
C ALA A 95 9.71 19.18 -6.20
N ALA A 96 9.41 20.47 -6.29
CA ALA A 96 9.12 21.08 -7.59
C ALA A 96 10.36 20.99 -8.49
N PRO A 97 10.16 20.72 -9.79
CA PRO A 97 11.30 20.60 -10.71
C PRO A 97 12.19 21.82 -10.67
N PRO A 98 13.50 21.67 -10.93
CA PRO A 98 14.20 20.47 -11.38
C PRO A 98 14.41 19.38 -10.30
N ARG A 99 13.79 19.50 -9.13
CA ARG A 99 13.81 18.42 -8.16
C ARG A 99 12.87 17.30 -8.61
N PHE A 100 13.15 16.10 -8.10
CA PHE A 100 12.45 14.88 -8.48
C PHE A 100 12.25 14.01 -7.26
N ALA A 101 11.00 13.71 -6.90
CA ALA A 101 10.72 12.86 -5.76
C ALA A 101 9.98 11.59 -6.20
N ALA A 102 10.24 10.50 -5.49
CA ALA A 102 9.62 9.24 -5.83
C ALA A 102 9.30 8.47 -4.56
N ARG A 103 8.24 7.67 -4.64
CA ARG A 103 8.01 6.64 -3.65
C ARG A 103 8.89 5.47 -4.01
N TYR A 104 9.91 5.22 -3.20
CA TYR A 104 11.00 4.36 -3.61
C TYR A 104 10.79 2.93 -3.15
N GLY A 105 10.08 2.74 -2.04
CA GLY A 105 9.72 1.44 -1.52
C GLY A 105 8.49 1.58 -0.64
N GLY A 106 8.13 0.53 0.09
CA GLY A 106 6.87 0.55 0.83
C GLY A 106 6.75 1.74 1.76
N GLU A 107 7.85 2.17 2.34
CA GLU A 107 7.87 3.26 3.32
C GLU A 107 8.97 4.27 3.02
N GLU A 108 9.66 4.13 1.90
CA GLU A 108 10.82 4.94 1.58
C GLU A 108 10.52 5.89 0.43
N PHE A 109 11.08 7.09 0.53
CA PHE A 109 11.06 8.08 -0.54
C PHE A 109 12.49 8.42 -0.94
N ALA A 110 12.63 8.93 -2.14
CA ALA A 110 13.92 9.32 -2.65
C ALA A 110 13.74 10.60 -3.46
N MET A 111 14.76 11.45 -3.44
CA MET A 111 14.72 12.73 -4.12
C MET A 111 16.04 13.02 -4.81
N ILE A 112 15.95 13.70 -5.93
CA ILE A 112 17.11 14.19 -6.66
C ILE A 112 17.13 15.71 -6.58
N PHE A 113 18.28 16.26 -6.19
CA PHE A 113 18.52 17.71 -6.12
C PHE A 113 19.66 18.04 -7.08
N PRO A 114 19.37 18.46 -8.31
CA PRO A 114 20.46 18.80 -9.23
C PRO A 114 20.91 20.24 -9.00
N ARG A 115 22.22 20.44 -9.14
CA ARG A 115 22.79 21.79 -9.09
C ARG A 115 22.46 22.51 -7.79
N GLU A 116 22.51 21.78 -6.69
CA GLU A 116 22.27 22.40 -5.40
C GLU A 116 23.41 22.04 -4.45
N ALA A 117 23.79 23.01 -3.63
CA ALA A 117 24.81 22.78 -2.64
C ALA A 117 24.32 21.77 -1.61
N ALA A 118 25.25 20.99 -1.05
CA ALA A 118 24.89 19.99 -0.05
C ALA A 118 24.24 20.60 1.19
N SER A 119 24.59 21.85 1.54
CA SER A 119 23.97 22.45 2.73
C SER A 119 22.54 22.91 2.44
N VAL A 120 22.25 23.27 1.19
CA VAL A 120 20.87 23.53 0.79
C VAL A 120 20.02 22.26 0.87
N VAL A 121 20.55 21.13 0.38
CA VAL A 121 19.83 19.86 0.50
C VAL A 121 19.57 19.52 1.96
N ALA A 122 20.55 19.73 2.83
CA ALA A 122 20.36 19.43 4.24
C ALA A 122 19.27 20.30 4.86
N THR A 123 19.22 21.58 4.49
CA THR A 123 18.19 22.47 5.01
C THR A 123 16.80 22.03 4.55
N THR A 124 16.67 21.61 3.27
CA THR A 124 15.40 21.11 2.74
C THR A 124 14.94 19.85 3.47
N LEU A 125 15.85 18.91 3.73
CA LEU A 125 15.52 17.69 4.47
C LEU A 125 15.18 18.01 5.92
N GLU A 126 15.90 18.96 6.52
CA GLU A 126 15.56 19.35 7.88
C GLU A 126 14.20 20.04 7.92
N GLU A 127 13.84 20.75 6.84
CA GLU A 127 12.52 21.37 6.76
C GLU A 127 11.42 20.34 6.56
N ILE A 128 11.69 19.28 5.79
CA ILE A 128 10.74 18.18 5.66
C ILE A 128 10.50 17.52 7.00
N ARG A 129 11.57 17.26 7.78
CA ARG A 129 11.35 16.52 9.01
C ARG A 129 10.62 17.36 10.05
N VAL A 130 10.84 18.68 10.08
CA VAL A 130 10.08 19.51 11.00
C VAL A 130 8.61 19.54 10.60
N GLU A 131 8.35 19.60 9.29
CA GLU A 131 6.97 19.73 8.82
C GLU A 131 6.17 18.47 9.14
N VAL A 132 6.75 17.29 8.85
CA VAL A 132 6.06 16.01 9.06
C VAL A 132 5.66 15.86 10.51
N SER A 133 6.55 16.20 11.44
CA SER A 133 6.26 15.97 12.83
C SER A 133 5.53 17.11 13.50
N SER A 134 5.07 18.11 12.75
CA SER A 134 4.57 19.35 13.32
C SER A 134 3.08 19.35 13.64
N ARG A 135 2.34 18.28 13.36
CA ARG A 135 0.99 18.22 13.90
C ARG A 135 0.60 16.78 14.19
N MET A 136 -0.35 16.64 15.10
CA MET A 136 -0.82 15.35 15.54
C MET A 136 -1.98 14.93 14.63
N LEU A 137 -1.73 13.97 13.75
CA LEU A 137 -2.75 13.44 12.88
C LEU A 137 -3.75 12.60 13.67
N LYS A 138 -4.98 12.58 13.20
CA LYS A 138 -6.05 11.85 13.85
C LYS A 138 -6.63 10.80 12.93
N ARG A 139 -7.12 9.74 13.54
CA ARG A 139 -7.76 8.68 12.79
C ARG A 139 -9.09 9.17 12.24
N ARG A 140 -9.32 8.97 10.94
CA ARG A 140 -10.55 9.47 10.34
C ARG A 140 -11.78 8.81 10.96
N SER A 141 -11.74 7.49 11.16
CA SER A 141 -12.90 6.80 11.73
C SER A 141 -13.24 7.31 13.13
N THR A 142 -12.26 7.34 14.03
CA THR A 142 -12.53 7.48 15.45
C THR A 142 -12.05 8.78 16.08
N ASN A 143 -11.27 9.58 15.36
CA ASN A 143 -10.67 10.81 15.84
C ASN A 143 -9.58 10.61 16.90
N GLU A 144 -9.20 9.37 17.20
CA GLU A 144 -8.11 9.18 18.14
C GLU A 144 -6.81 9.76 17.58
N ASP A 145 -5.95 10.23 18.48
CA ASP A 145 -4.64 10.73 18.08
C ASP A 145 -3.75 9.57 17.63
N LEU A 146 -3.09 9.74 16.50
CA LEU A 146 -2.20 8.69 16.00
C LEU A 146 -0.82 8.70 16.63
N GLY A 147 -0.46 9.75 17.37
CA GLY A 147 0.95 9.89 17.71
C GLY A 147 1.70 10.69 16.66
N ALA A 148 2.79 11.34 17.08
CA ALA A 148 3.56 12.10 16.12
C ALA A 148 4.26 11.18 15.12
N ILE A 149 4.41 11.69 13.90
CA ILE A 149 5.05 10.98 12.82
C ILE A 149 6.37 11.69 12.58
N THR A 150 7.48 10.96 12.71
CA THR A 150 8.79 11.50 12.39
C THR A 150 9.36 10.79 11.16
N VAL A 151 10.55 11.20 10.76
CA VAL A 151 11.12 10.73 9.50
C VAL A 151 12.63 10.82 9.61
N SER A 152 13.32 9.79 9.11
CA SER A 152 14.77 9.73 9.08
C SER A 152 15.27 9.85 7.65
N SER A 153 16.47 10.38 7.50
CA SER A 153 16.88 10.98 6.25
C SER A 153 18.39 10.77 6.06
N GLY A 154 18.80 10.53 4.83
CA GLY A 154 20.22 10.42 4.51
C GLY A 154 20.47 10.99 3.12
N PHE A 155 21.51 11.79 2.95
CA PHE A 155 21.78 12.33 1.62
C PHE A 155 23.27 12.23 1.33
N ALA A 156 23.60 12.36 0.05
CA ALA A 156 24.97 12.24 -0.42
C ALA A 156 25.14 13.10 -1.67
N GLU A 157 26.33 13.67 -1.84
CA GLU A 157 26.73 14.34 -3.07
C GLU A 157 27.36 13.35 -4.03
N ARG A 158 27.05 13.48 -5.32
CA ARG A 158 27.71 12.61 -6.28
C ARG A 158 29.19 12.98 -6.40
N LYS A 159 30.06 11.99 -6.31
CA LYS A 159 31.48 12.20 -6.52
C LYS A 159 31.77 12.25 -8.02
N PRO A 160 32.96 12.73 -8.43
CA PRO A 160 33.22 12.91 -9.86
C PRO A 160 32.95 11.69 -10.72
N GLY A 161 33.58 10.55 -10.48
CA GLY A 161 33.27 9.52 -11.46
C GLY A 161 32.06 8.66 -11.15
N GLU A 162 31.17 9.09 -10.26
CA GLU A 162 30.33 8.14 -9.56
C GLU A 162 28.98 7.92 -10.23
N SER A 163 28.54 6.67 -10.26
CA SER A 163 27.28 6.29 -10.87
C SER A 163 26.14 6.47 -9.87
N GLY A 164 24.92 6.48 -10.41
CA GLY A 164 23.74 6.66 -9.57
C GLY A 164 23.60 5.59 -8.51
N HIS A 165 23.93 4.33 -8.85
CA HIS A 165 23.82 3.26 -7.89
C HIS A 165 24.80 3.46 -6.73
N SER A 166 26.00 3.92 -7.03
CA SER A 166 26.99 4.10 -5.98
C SER A 166 26.61 5.23 -5.03
N VAL A 167 26.20 6.38 -5.57
CA VAL A 167 25.82 7.48 -4.69
C VAL A 167 24.52 7.15 -3.96
N MET A 168 23.66 6.32 -4.56
CA MET A 168 22.48 5.84 -3.84
C MET A 168 22.88 4.99 -2.64
N GLU A 169 23.96 4.19 -2.76
CA GLU A 169 24.41 3.38 -1.63
C GLU A 169 25.00 4.22 -0.51
N ARG A 170 25.69 5.31 -0.85
CA ARG A 170 26.20 6.20 0.18
C ARG A 170 25.08 6.94 0.88
N ALA A 171 24.02 7.30 0.17
CA ALA A 171 22.87 7.94 0.80
C ALA A 171 22.12 6.98 1.72
N ASP A 172 21.97 5.71 1.30
CA ASP A 172 21.30 4.71 2.12
C ASP A 172 22.08 4.46 3.40
N ALA A 173 23.41 4.40 3.30
CA ALA A 173 24.26 4.25 4.48
C ALA A 173 24.10 5.43 5.44
N ALA A 174 23.86 6.63 4.92
CA ALA A 174 23.56 7.75 5.79
C ALA A 174 22.18 7.60 6.43
N LEU A 175 21.20 7.11 5.68
CA LEU A 175 19.89 6.87 6.27
C LEU A 175 20.00 5.88 7.43
N TYR A 176 20.79 4.82 7.25
CA TYR A 176 21.03 3.87 8.33
C TYR A 176 21.69 4.54 9.53
N ALA A 177 22.67 5.42 9.29
CA ALA A 177 23.26 6.20 10.37
C ALA A 177 22.21 7.00 11.12
N SER A 178 21.32 7.69 10.39
CA SER A 178 20.21 8.40 11.01
C SER A 178 19.33 7.47 11.85
N LYS A 179 19.00 6.28 11.33
CA LYS A 179 18.23 5.33 12.14
C LYS A 179 19.00 4.94 13.39
N ARG A 180 20.32 4.73 13.26
CA ARG A 180 21.06 4.29 14.44
C ARG A 180 21.32 5.45 15.40
N GLY A 181 21.42 6.68 14.90
CA GLY A 181 21.50 7.81 15.80
C GLY A 181 20.28 8.01 16.68
N GLY A 182 19.15 7.37 16.36
CA GLY A 182 17.97 7.52 17.17
C GLY A 182 16.77 7.99 16.37
N ARG A 183 16.88 8.00 15.04
CA ARG A 183 15.80 8.40 14.14
C ARG A 183 15.39 9.87 14.30
N ASN A 184 14.50 10.34 13.43
CA ASN A 184 14.03 11.73 13.46
C ASN A 184 15.19 12.70 13.28
N ARG A 185 16.00 12.43 12.25
CA ARG A 185 17.18 13.22 12.04
C ARG A 185 17.67 13.04 10.61
N VAL A 186 18.56 13.95 10.20
CA VAL A 186 19.17 14.01 8.88
C VAL A 186 20.66 13.73 9.05
N THR A 187 21.25 12.98 8.11
CA THR A 187 22.68 12.69 8.15
C THR A 187 23.28 12.80 6.75
N ALA A 188 24.37 13.56 6.64
CA ALA A 188 25.12 13.61 5.39
C ALA A 188 26.10 12.45 5.33
N ALA A 189 26.16 11.79 4.17
CA ALA A 189 27.15 10.73 3.99
C ALA A 189 28.58 11.23 4.24
N GLU A 190 28.84 12.49 3.90
CA GLU A 190 30.16 13.12 4.00
C GLU A 190 30.54 13.46 5.43
N SER A 191 29.73 13.02 6.39
CA SER A 191 30.03 13.09 7.81
C SER A 191 30.04 11.65 8.34
N PRO B 16 4.94 25.16 3.25
CA PRO B 16 4.73 25.46 1.82
C PRO B 16 3.33 25.06 1.28
N ARG B 17 2.32 25.92 1.49
CA ARG B 17 0.90 25.56 1.35
C ARG B 17 0.55 25.15 -0.08
N GLY B 18 -0.06 23.95 -0.22
CA GLY B 18 -0.50 23.46 -1.51
C GLY B 18 -1.92 23.91 -1.88
N SER B 19 -2.27 23.69 -3.15
CA SER B 19 -3.58 24.12 -3.66
C SER B 19 -4.71 23.37 -2.96
N HIS B 20 -5.94 23.84 -3.22
CA HIS B 20 -7.10 23.42 -2.43
C HIS B 20 -7.60 22.05 -2.88
N MET B 21 -7.79 21.17 -1.91
CA MET B 21 -8.30 19.83 -2.14
C MET B 21 -9.32 19.49 -1.06
N VAL B 22 -10.12 18.46 -1.35
CA VAL B 22 -11.15 17.94 -0.46
C VAL B 22 -10.73 16.57 0.07
N ARG B 23 -11.05 16.30 1.33
CA ARG B 23 -10.81 14.98 1.87
C ARG B 23 -11.53 13.96 1.01
N ARG B 24 -10.90 12.83 0.75
CA ARG B 24 -11.58 11.83 -0.04
C ARG B 24 -12.49 10.97 0.84
N ASP B 25 -13.24 10.10 0.21
CA ASP B 25 -14.13 9.22 0.95
C ASP B 25 -13.33 8.32 1.89
N ALA B 26 -13.44 8.58 3.19
CA ALA B 26 -12.63 7.82 4.14
C ALA B 26 -13.20 6.44 4.43
N THR B 27 -14.34 6.07 3.86
CA THR B 27 -14.80 4.69 3.99
C THR B 27 -14.24 3.79 2.91
N THR B 28 -13.48 4.32 1.96
CA THR B 28 -12.98 3.53 0.86
C THR B 28 -11.48 3.27 1.01
N ASP B 29 -11.00 2.36 0.17
CA ASP B 29 -9.61 1.99 0.10
C ASP B 29 -8.93 2.78 -1.02
N GLY B 30 -7.69 3.19 -0.79
CA GLY B 30 -7.01 4.00 -1.78
C GLY B 30 -6.65 3.23 -3.04
N LEU B 31 -6.03 2.07 -2.88
CA LEU B 31 -5.51 1.34 -4.02
C LEU B 31 -6.62 0.83 -4.95
N THR B 32 -7.74 0.38 -4.37
CA THR B 32 -8.76 -0.30 -5.14
C THR B 32 -10.11 0.39 -5.16
N ASN B 33 -10.40 1.26 -4.19
CA ASN B 33 -11.69 1.93 -4.01
C ASN B 33 -12.87 0.98 -3.69
N LEU B 34 -12.62 -0.30 -3.39
CA LEU B 34 -13.56 -1.06 -2.57
C LEU B 34 -13.65 -0.41 -1.19
N ALA B 35 -14.57 -0.89 -0.35
CA ALA B 35 -14.61 -0.43 1.03
C ALA B 35 -13.34 -0.84 1.76
N ASN B 36 -13.10 -0.20 2.90
CA ASN B 36 -11.96 -0.53 3.75
C ASN B 36 -12.42 -1.32 4.98
N ARG B 37 -11.43 -1.79 5.77
CA ARG B 37 -11.74 -2.72 6.84
C ARG B 37 -12.78 -2.18 7.78
N LYS B 38 -12.66 -0.89 8.13
CA LYS B 38 -13.55 -0.31 9.14
C LYS B 38 -14.97 -0.16 8.60
N ALA B 39 -15.11 0.21 7.33
CA ALA B 39 -16.44 0.27 6.72
C ALA B 39 -17.06 -1.11 6.66
N PHE B 40 -16.27 -2.11 6.29
CA PHE B 40 -16.76 -3.47 6.22
C PHE B 40 -17.25 -3.97 7.57
N ASP B 41 -16.51 -3.64 8.64
CA ASP B 41 -16.86 -4.14 9.98
C ASP B 41 -18.19 -3.59 10.45
N ASP B 42 -18.44 -2.31 10.20
CA ASP B 42 -19.72 -1.70 10.55
C ASP B 42 -20.83 -2.28 9.68
N GLU B 43 -20.57 -2.40 8.37
CA GLU B 43 -21.55 -3.00 7.46
C GLU B 43 -21.88 -4.45 7.83
N LEU B 44 -20.89 -5.20 8.34
CA LEU B 44 -21.15 -6.57 8.79
C LEU B 44 -22.09 -6.60 10.00
N ASP B 45 -21.80 -5.77 11.03
CA ASP B 45 -22.69 -5.68 12.18
C ASP B 45 -24.10 -5.26 11.76
N ARG B 46 -24.22 -4.26 10.87
CA ARG B 46 -25.54 -3.84 10.43
C ARG B 46 -26.27 -4.98 9.73
N ALA B 47 -25.63 -5.59 8.73
CA ALA B 47 -26.25 -6.66 7.96
C ALA B 47 -26.61 -7.86 8.85
N CYS B 48 -25.79 -8.14 9.87
CA CYS B 48 -26.14 -9.22 10.78
C CYS B 48 -27.42 -8.91 11.57
N ALA B 49 -27.55 -7.66 12.07
CA ALA B 49 -28.75 -7.28 12.81
C ALA B 49 -30.00 -7.39 11.94
N GLU B 50 -29.91 -6.93 10.69
CA GLU B 50 -31.02 -7.04 9.75
C GLU B 50 -31.40 -8.49 9.50
N ALA B 51 -30.42 -9.41 9.47
CA ALA B 51 -30.70 -10.82 9.26
C ALA B 51 -31.28 -11.50 10.49
N GLU B 52 -30.99 -11.00 11.68
CA GLU B 52 -31.63 -11.51 12.89
C GLU B 52 -33.11 -11.13 12.93
N GLU B 53 -33.40 -9.83 12.82
CA GLU B 53 -34.77 -9.39 12.94
C GLU B 53 -35.60 -9.77 11.72
N GLY B 54 -34.96 -10.05 10.60
CA GLY B 54 -35.68 -10.49 9.42
C GLY B 54 -35.79 -11.98 9.27
N GLY B 55 -35.10 -12.75 10.11
CA GLY B 55 -35.05 -14.19 9.92
C GLY B 55 -34.41 -14.62 8.62
N THR B 56 -33.69 -13.73 7.95
CA THR B 56 -33.05 -13.99 6.67
C THR B 56 -31.65 -14.59 6.88
N THR B 57 -31.09 -15.14 5.80
CA THR B 57 -29.77 -15.72 5.84
C THR B 57 -28.73 -14.68 5.41
N ILE B 58 -27.46 -14.95 5.72
CA ILE B 58 -26.35 -14.09 5.32
C ILE B 58 -25.05 -14.89 5.42
N CYS B 59 -24.18 -14.71 4.42
CA CYS B 59 -22.90 -15.40 4.37
C CYS B 59 -21.74 -14.42 4.22
N LEU B 60 -20.58 -14.87 4.68
CA LEU B 60 -19.39 -14.07 4.77
C LEU B 60 -18.22 -14.89 4.23
N ALA B 61 -17.55 -14.39 3.19
CA ALA B 61 -16.32 -14.99 2.70
C ALA B 61 -15.14 -14.08 2.99
N VAL B 62 -13.96 -14.67 3.10
CA VAL B 62 -12.70 -13.97 3.25
C VAL B 62 -11.71 -14.59 2.27
N LEU B 63 -10.97 -13.75 1.53
CA LEU B 63 -10.06 -14.23 0.50
C LEU B 63 -8.65 -13.69 0.72
N ASP B 64 -7.65 -14.47 0.30
CA ASP B 64 -6.24 -14.14 0.50
C ASP B 64 -5.47 -14.39 -0.79
N ILE B 65 -4.68 -13.39 -1.20
CA ILE B 65 -3.82 -13.54 -2.37
C ILE B 65 -2.64 -14.44 -2.00
N ASP B 66 -2.52 -15.57 -2.69
CA ASP B 66 -1.49 -16.54 -2.35
C ASP B 66 -0.11 -16.06 -2.77
N HIS B 67 0.86 -16.29 -1.89
CA HIS B 67 2.27 -16.08 -2.19
C HIS B 67 2.55 -14.62 -2.42
N PHE B 68 1.87 -13.76 -1.63
CA PHE B 68 1.86 -12.35 -1.99
C PHE B 68 3.15 -11.62 -1.61
N LYS B 69 3.73 -11.88 -0.43
CA LYS B 69 5.02 -11.26 -0.12
C LYS B 69 6.08 -11.71 -1.12
N GLY B 70 6.05 -12.99 -1.49
CA GLY B 70 6.95 -13.48 -2.51
C GLY B 70 6.94 -12.65 -3.77
N PHE B 71 5.73 -12.26 -4.24
CA PHE B 71 5.62 -11.35 -5.37
C PHE B 71 6.44 -10.09 -5.16
N ASN B 72 6.14 -9.36 -4.08
CA ASN B 72 6.81 -8.10 -3.82
C ASN B 72 8.32 -8.29 -3.73
N ASP B 73 8.76 -9.42 -3.16
CA ASP B 73 10.19 -9.70 -3.08
C ASP B 73 10.80 -9.93 -4.45
N THR B 74 10.06 -10.58 -5.34
CA THR B 74 10.60 -10.92 -6.65
C THR B 74 10.51 -9.76 -7.63
N TRP B 75 9.47 -8.94 -7.54
CA TRP B 75 9.18 -7.96 -8.58
C TRP B 75 9.03 -6.54 -8.08
N GLY B 76 9.09 -6.30 -6.78
CA GLY B 76 9.01 -4.94 -6.30
C GLY B 76 7.61 -4.56 -5.83
N HIS B 77 7.57 -3.47 -5.07
CA HIS B 77 6.32 -3.04 -4.42
C HIS B 77 5.31 -2.58 -5.45
N GLN B 78 5.76 -1.82 -6.46
CA GLN B 78 4.88 -1.37 -7.54
C GLN B 78 4.13 -2.53 -8.19
N THR B 79 4.86 -3.59 -8.57
CA THR B 79 4.22 -4.75 -9.17
C THR B 79 3.27 -5.41 -8.19
N GLY B 80 3.65 -5.46 -6.91
CA GLY B 80 2.75 -5.94 -5.88
C GLY B 80 1.41 -5.23 -5.89
N ASP B 81 1.43 -3.90 -6.08
CA ASP B 81 0.20 -3.11 -6.10
C ASP B 81 -0.68 -3.46 -7.29
N GLN B 82 -0.06 -3.82 -8.43
CA GLN B 82 -0.82 -4.19 -9.61
C GLN B 82 -1.59 -5.48 -9.38
N VAL B 83 -0.98 -6.42 -8.66
CA VAL B 83 -1.65 -7.67 -8.33
C VAL B 83 -2.80 -7.42 -7.35
N ILE B 84 -2.61 -6.53 -6.37
CA ILE B 84 -3.72 -6.15 -5.51
C ILE B 84 -4.87 -5.58 -6.33
N ARG B 85 -4.57 -4.76 -7.34
CA ARG B 85 -5.65 -4.13 -8.10
C ARG B 85 -6.31 -5.13 -9.04
N TYR B 86 -5.55 -6.04 -9.62
CA TYR B 86 -6.11 -7.07 -10.46
C TYR B 86 -7.09 -7.94 -9.67
N VAL B 87 -6.64 -8.49 -8.53
CA VAL B 87 -7.50 -9.39 -7.77
C VAL B 87 -8.73 -8.66 -7.27
N ALA B 88 -8.55 -7.40 -6.86
CA ALA B 88 -9.66 -6.59 -6.38
C ALA B 88 -10.68 -6.34 -7.49
N SER B 89 -10.20 -6.16 -8.74
CA SER B 89 -11.15 -5.93 -9.83
C SER B 89 -11.98 -7.19 -10.09
N VAL B 90 -11.36 -8.38 -9.98
CA VAL B 90 -12.14 -9.61 -10.14
C VAL B 90 -13.22 -9.68 -9.07
N ILE B 91 -12.88 -9.35 -7.83
CA ILE B 91 -13.83 -9.42 -6.73
C ILE B 91 -14.93 -8.38 -6.90
N GLY B 92 -14.58 -7.18 -7.34
CA GLY B 92 -15.57 -6.12 -7.46
C GLY B 92 -16.60 -6.38 -8.54
N ARG B 93 -16.25 -7.12 -9.60
CA ARG B 93 -17.24 -7.41 -10.63
C ARG B 93 -18.41 -8.21 -10.08
N VAL B 94 -18.19 -9.04 -9.06
CA VAL B 94 -19.22 -9.94 -8.57
C VAL B 94 -19.82 -9.47 -7.25
N ALA B 95 -19.61 -8.19 -6.89
CA ALA B 95 -19.96 -7.66 -5.59
C ALA B 95 -20.91 -6.47 -5.70
N ALA B 96 -21.78 -6.49 -6.70
CA ALA B 96 -22.80 -5.46 -6.84
C ALA B 96 -23.82 -5.57 -5.70
N PRO B 97 -24.29 -4.44 -5.18
CA PRO B 97 -25.22 -4.50 -4.05
C PRO B 97 -26.43 -5.33 -4.41
N PRO B 98 -27.03 -6.02 -3.42
CA PRO B 98 -26.80 -5.93 -1.97
C PRO B 98 -25.49 -6.56 -1.46
N ARG B 99 -24.68 -7.19 -2.33
CA ARG B 99 -23.38 -7.70 -1.92
C ARG B 99 -22.45 -6.55 -1.53
N PHE B 100 -21.46 -6.88 -0.69
CA PHE B 100 -20.54 -5.87 -0.18
C PHE B 100 -19.12 -6.44 -0.11
N ALA B 101 -18.19 -5.83 -0.85
CA ALA B 101 -16.80 -6.23 -0.86
C ALA B 101 -15.93 -5.14 -0.22
N ALA B 102 -14.78 -5.56 0.31
CA ALA B 102 -13.87 -4.66 1.00
C ALA B 102 -12.46 -5.18 0.86
N ARG B 103 -11.51 -4.25 0.71
CA ARG B 103 -10.13 -4.57 1.01
C ARG B 103 -9.97 -4.67 2.52
N TYR B 104 -9.71 -5.88 3.02
CA TYR B 104 -9.83 -6.16 4.44
C TYR B 104 -8.53 -6.01 5.20
N GLY B 105 -7.42 -6.39 4.57
CA GLY B 105 -6.09 -6.16 5.08
C GLY B 105 -5.18 -5.99 3.88
N GLY B 106 -3.89 -5.88 4.13
CA GLY B 106 -2.93 -5.67 3.04
C GLY B 106 -3.13 -6.59 1.83
N GLU B 107 -3.48 -7.85 2.06
CA GLU B 107 -3.62 -8.82 0.97
C GLU B 107 -4.90 -9.64 1.10
N GLU B 108 -5.81 -9.25 1.98
CA GLU B 108 -7.04 -9.97 2.22
C GLU B 108 -8.23 -9.17 1.71
N PHE B 109 -9.22 -9.87 1.17
CA PHE B 109 -10.49 -9.27 0.84
C PHE B 109 -11.60 -9.99 1.62
N ALA B 110 -12.73 -9.31 1.77
CA ALA B 110 -13.86 -9.91 2.45
C ALA B 110 -15.14 -9.49 1.76
N MET B 111 -16.14 -10.37 1.78
CA MET B 111 -17.39 -10.11 1.08
C MET B 111 -18.58 -10.52 1.93
N ILE B 112 -19.64 -9.74 1.84
CA ILE B 112 -20.89 -10.06 2.52
C ILE B 112 -21.90 -10.47 1.44
N PHE B 113 -22.61 -11.57 1.68
CA PHE B 113 -23.65 -12.06 0.78
C PHE B 113 -24.95 -12.11 1.57
N PRO B 114 -25.66 -10.99 1.68
CA PRO B 114 -26.94 -11.03 2.40
C PRO B 114 -27.98 -11.79 1.57
N ARG B 115 -28.78 -12.61 2.28
CA ARG B 115 -29.92 -13.33 1.68
C ARG B 115 -29.47 -14.18 0.50
N GLU B 116 -28.36 -14.90 0.69
CA GLU B 116 -27.92 -15.84 -0.34
C GLU B 116 -27.49 -17.13 0.34
N ALA B 117 -27.84 -18.23 -0.30
CA ALA B 117 -27.56 -19.55 0.22
C ALA B 117 -26.08 -19.87 0.14
N ALA B 118 -25.63 -20.73 1.05
CA ALA B 118 -24.24 -21.16 1.05
C ALA B 118 -23.85 -21.77 -0.28
N SER B 119 -24.79 -22.45 -0.95
CA SER B 119 -24.52 -23.02 -2.25
C SER B 119 -24.13 -21.95 -3.29
N VAL B 120 -24.75 -20.78 -3.20
CA VAL B 120 -24.46 -19.72 -4.16
C VAL B 120 -23.12 -19.09 -3.84
N VAL B 121 -22.78 -18.95 -2.55
CA VAL B 121 -21.47 -18.41 -2.20
C VAL B 121 -20.35 -19.35 -2.62
N ALA B 122 -20.51 -20.65 -2.35
CA ALA B 122 -19.51 -21.63 -2.74
C ALA B 122 -19.25 -21.58 -4.24
N THR B 123 -20.33 -21.53 -5.01
CA THR B 123 -20.19 -21.47 -6.46
C THR B 123 -19.52 -20.17 -6.89
N THR B 124 -19.83 -19.06 -6.21
CA THR B 124 -19.26 -17.76 -6.57
C THR B 124 -17.77 -17.69 -6.26
N LEU B 125 -17.36 -18.14 -5.07
CA LEU B 125 -15.93 -18.18 -4.74
C LEU B 125 -15.18 -19.08 -5.71
N GLU B 126 -15.76 -20.22 -6.05
CA GLU B 126 -15.14 -21.05 -7.07
C GLU B 126 -15.00 -20.29 -8.39
N GLU B 127 -15.97 -19.41 -8.71
CA GLU B 127 -15.86 -18.62 -9.94
C GLU B 127 -14.76 -17.57 -9.84
N ILE B 128 -14.69 -16.88 -8.70
CA ILE B 128 -13.60 -15.93 -8.46
C ILE B 128 -12.25 -16.63 -8.56
N ARG B 129 -12.11 -17.78 -7.92
CA ARG B 129 -10.84 -18.48 -7.92
C ARG B 129 -10.39 -18.79 -9.35
N VAL B 130 -11.29 -19.33 -10.17
CA VAL B 130 -10.96 -19.65 -11.55
C VAL B 130 -10.64 -18.40 -12.35
N GLU B 131 -11.39 -17.33 -12.11
CA GLU B 131 -11.19 -16.10 -12.87
C GLU B 131 -9.83 -15.48 -12.59
N VAL B 132 -9.45 -15.43 -11.30
CA VAL B 132 -8.17 -14.83 -10.93
C VAL B 132 -7.02 -15.54 -11.65
N SER B 133 -7.08 -16.86 -11.73
CA SER B 133 -6.01 -17.65 -12.33
C SER B 133 -6.11 -17.75 -13.84
N SER B 134 -7.13 -17.16 -14.46
CA SER B 134 -7.46 -17.51 -15.83
C SER B 134 -6.43 -16.99 -16.82
N ARG B 135 -5.90 -15.78 -16.61
CA ARG B 135 -4.84 -15.28 -17.47
C ARG B 135 -3.58 -14.96 -16.69
N MET B 136 -2.49 -14.78 -17.42
CA MET B 136 -1.18 -14.52 -16.83
C MET B 136 -0.79 -13.08 -17.07
N LEU B 137 -0.67 -12.31 -15.99
CA LEU B 137 -0.36 -10.90 -16.11
C LEU B 137 1.11 -10.68 -16.47
N LYS B 138 1.35 -9.61 -17.22
CA LYS B 138 2.68 -9.14 -17.58
C LYS B 138 2.93 -7.80 -16.89
N ARG B 139 4.18 -7.54 -16.53
CA ARG B 139 4.50 -6.24 -15.95
C ARG B 139 4.35 -5.17 -17.01
N ARG B 140 3.79 -4.03 -16.63
CA ARG B 140 3.67 -2.91 -17.55
C ARG B 140 5.05 -2.43 -18.00
N SER B 141 6.04 -2.46 -17.11
CA SER B 141 7.29 -1.76 -17.38
C SER B 141 8.24 -2.58 -18.25
N THR B 142 8.28 -3.91 -18.10
CA THR B 142 9.26 -4.72 -18.80
C THR B 142 8.66 -5.87 -19.59
N ASN B 143 7.34 -6.06 -19.54
CA ASN B 143 6.58 -7.12 -20.20
C ASN B 143 6.89 -8.53 -19.68
N GLU B 144 7.57 -8.66 -18.55
CA GLU B 144 7.88 -9.99 -18.03
C GLU B 144 6.62 -10.66 -17.51
N ASP B 145 6.61 -11.99 -17.59
CA ASP B 145 5.49 -12.75 -17.07
C ASP B 145 5.58 -12.86 -15.56
N LEU B 146 4.56 -12.34 -14.88
CA LEU B 146 4.46 -12.52 -13.43
C LEU B 146 4.24 -13.97 -13.04
N GLY B 147 3.58 -14.75 -13.89
CA GLY B 147 3.13 -16.07 -13.51
C GLY B 147 1.67 -16.05 -13.11
N ALA B 148 1.19 -17.22 -12.66
CA ALA B 148 -0.20 -17.34 -12.27
C ALA B 148 -0.41 -16.77 -10.87
N ILE B 149 -1.54 -16.12 -10.69
CA ILE B 149 -1.97 -15.57 -9.42
C ILE B 149 -3.16 -16.41 -8.97
N THR B 150 -3.11 -16.92 -7.74
CA THR B 150 -4.24 -17.63 -7.18
C THR B 150 -4.71 -16.93 -5.92
N VAL B 151 -5.94 -17.26 -5.49
CA VAL B 151 -6.47 -16.83 -4.20
C VAL B 151 -6.98 -18.04 -3.42
N SER B 152 -6.88 -17.92 -2.10
CA SER B 152 -7.47 -18.87 -1.16
C SER B 152 -8.62 -18.19 -0.44
N SER B 153 -9.56 -19.01 0.03
CA SER B 153 -10.92 -18.55 0.25
C SER B 153 -11.56 -19.38 1.36
N GLY B 154 -12.22 -18.72 2.32
CA GLY B 154 -13.03 -19.40 3.33
C GLY B 154 -14.36 -18.70 3.51
N PHE B 155 -15.46 -19.43 3.74
CA PHE B 155 -16.74 -18.76 4.02
C PHE B 155 -17.58 -19.52 5.05
N ALA B 156 -18.46 -18.77 5.68
CA ALA B 156 -19.31 -19.26 6.76
C ALA B 156 -20.74 -18.73 6.56
N GLU B 157 -21.73 -19.56 6.92
CA GLU B 157 -23.12 -19.13 6.95
C GLU B 157 -23.48 -18.74 8.39
N ARG B 158 -24.07 -17.57 8.55
CA ARG B 158 -24.36 -17.08 9.90
C ARG B 158 -25.39 -17.97 10.58
N LYS B 159 -25.07 -18.40 11.81
CA LYS B 159 -25.93 -19.15 12.70
C LYS B 159 -26.94 -18.24 13.38
N PRO B 160 -28.11 -18.77 13.74
CA PRO B 160 -29.19 -17.93 14.26
C PRO B 160 -28.80 -16.91 15.35
N GLY B 161 -28.03 -17.25 16.36
CA GLY B 161 -27.79 -16.16 17.29
C GLY B 161 -26.55 -15.31 17.06
N GLU B 162 -25.85 -15.46 15.93
CA GLU B 162 -24.42 -15.21 15.86
C GLU B 162 -24.10 -13.74 15.58
N SER B 163 -23.09 -13.22 16.30
CA SER B 163 -22.60 -11.88 16.05
C SER B 163 -21.68 -11.85 14.83
N GLY B 164 -21.47 -10.66 14.29
CA GLY B 164 -20.59 -10.53 13.14
C GLY B 164 -19.22 -11.09 13.39
N HIS B 165 -18.64 -10.80 14.57
CA HIS B 165 -17.29 -11.23 14.87
C HIS B 165 -17.15 -12.75 14.82
N SER B 166 -18.13 -13.47 15.38
CA SER B 166 -17.99 -14.92 15.38
C SER B 166 -18.17 -15.52 13.99
N VAL B 167 -18.94 -14.86 13.11
CA VAL B 167 -19.03 -15.33 11.73
C VAL B 167 -17.69 -15.14 11.04
N MET B 168 -17.11 -13.94 11.20
CA MET B 168 -15.79 -13.68 10.66
C MET B 168 -14.76 -14.68 11.18
N GLU B 169 -14.80 -14.99 12.48
CA GLU B 169 -13.88 -15.98 13.02
C GLU B 169 -14.03 -17.33 12.31
N ARG B 170 -15.26 -17.78 12.13
CA ARG B 170 -15.42 -19.05 11.41
C ARG B 170 -14.97 -18.93 9.96
N ALA B 171 -15.25 -17.80 9.29
CA ALA B 171 -14.83 -17.71 7.89
C ALA B 171 -13.32 -17.66 7.78
N ASP B 172 -12.65 -17.00 8.73
CA ASP B 172 -11.19 -16.98 8.69
C ASP B 172 -10.59 -18.36 8.95
N ALA B 173 -11.20 -19.14 9.85
CA ALA B 173 -10.70 -20.48 10.12
C ALA B 173 -10.85 -21.37 8.91
N ALA B 174 -11.91 -21.13 8.11
CA ALA B 174 -12.01 -21.81 6.83
C ALA B 174 -10.90 -21.36 5.89
N LEU B 175 -10.55 -20.07 5.91
CA LEU B 175 -9.47 -19.59 5.06
C LEU B 175 -8.14 -20.24 5.43
N TYR B 176 -7.86 -20.39 6.74
CA TYR B 176 -6.65 -21.12 7.13
C TYR B 176 -6.70 -22.56 6.66
N ALA B 177 -7.88 -23.19 6.75
CA ALA B 177 -8.05 -24.54 6.21
C ALA B 177 -7.65 -24.60 4.74
N SER B 178 -8.01 -23.59 3.96
CA SER B 178 -7.62 -23.56 2.56
C SER B 178 -6.11 -23.43 2.40
N LYS B 179 -5.49 -22.55 3.21
CA LYS B 179 -4.04 -22.37 3.08
C LYS B 179 -3.33 -23.66 3.41
N ARG B 180 -3.71 -24.30 4.52
CA ARG B 180 -3.14 -25.59 4.90
C ARG B 180 -3.51 -26.67 3.90
N GLY B 181 -4.66 -26.55 3.24
CA GLY B 181 -4.99 -27.50 2.19
C GLY B 181 -4.10 -27.42 0.96
N GLY B 182 -3.25 -26.41 0.86
CA GLY B 182 -2.43 -26.26 -0.32
C GLY B 182 -2.72 -24.99 -1.10
N ARG B 183 -3.60 -24.12 -0.61
CA ARG B 183 -3.93 -22.87 -1.28
C ARG B 183 -4.69 -23.09 -2.58
N ASN B 184 -5.08 -22.00 -3.24
CA ASN B 184 -5.82 -22.03 -4.50
C ASN B 184 -7.05 -22.94 -4.38
N ARG B 185 -7.85 -22.69 -3.35
CA ARG B 185 -9.02 -23.53 -3.12
C ARG B 185 -9.99 -22.76 -2.24
N VAL B 186 -11.18 -23.32 -2.09
CA VAL B 186 -12.28 -22.74 -1.31
C VAL B 186 -12.72 -23.75 -0.27
N THR B 187 -12.85 -23.32 0.97
CA THR B 187 -13.31 -24.18 2.06
C THR B 187 -14.55 -23.57 2.71
N ALA B 188 -15.60 -24.37 2.84
CA ALA B 188 -16.76 -23.95 3.63
C ALA B 188 -16.49 -24.22 5.11
N ALA B 189 -16.83 -23.25 5.97
CA ALA B 189 -16.55 -23.40 7.39
C ALA B 189 -17.20 -24.63 7.98
N GLU B 190 -18.29 -25.10 7.38
CA GLU B 190 -19.03 -26.26 7.86
C GLU B 190 -18.29 -27.54 7.45
N SER B 191 -17.07 -27.70 8.00
CA SER B 191 -16.20 -28.90 7.90
C SER B 191 -15.09 -28.88 8.96
#